data_7QHK
#
_entry.id   7QHK
#
_cell.length_a   93.69
_cell.length_b   93.69
_cell.length_c   124.75
_cell.angle_alpha   90.00
_cell.angle_beta   90.00
_cell.angle_gamma   90.00
#
_symmetry.space_group_name_H-M   'P 43 21 2'
#
loop_
_entity.id
_entity.type
_entity.pdbx_description
1 polymer 'Cathepsin L2'
2 polymer GLN-LEU-ARG-GLN
3 non-polymer 'CHLORIDE ION'
4 non-polymer (4S)-2-METHYL-2,4-PENTANEDIOL
5 non-polymer GLYCEROL
6 non-polymer 'trifluoroacetic acid'
7 water water
#
loop_
_entity_poly.entity_id
_entity_poly.type
_entity_poly.pdbx_seq_one_letter_code
_entity_poly.pdbx_strand_id
1 'polypeptide(L)'
;LPKSVDWRKKGYVTPVKNQKQCGSAWAFSATGALEGQMFRKTGKLVSLSEQNLVDCSRPQGNQGCNGGFMARAFQYVKEN
GGLDSEESYPYVAVDEICKYRPENSVAQDTGFTVVAPGKEKALMKAVATVGPISVAMDAGHSSFQFYKSGIYFEPDCSSK
NLDHGVLVVGYGFEGANSQNSKYWLVKNSWGPEWGSNGYVKIAKDKNNHCGIATAASYPNV
;
AA,BA
2 'polypeptide(L)' QLRQQE PA,PB
#
loop_
_chem_comp.id
_chem_comp.type
_chem_comp.name
_chem_comp.formula
CL non-polymer 'CHLORIDE ION' 'Cl -1'
GOL non-polymer GLYCEROL 'C3 H8 O3'
MPD non-polymer (4S)-2-METHYL-2,4-PENTANEDIOL 'C6 H14 O2'
TFA non-polymer 'trifluoroacetic acid' 'C2 H F3 O2'
#
# COMPACT_ATOMS: atom_id res chain seq x y z
N LEU A 1 1.02 -24.16 1.27
CA LEU A 1 0.62 -22.75 1.18
C LEU A 1 1.57 -21.85 0.32
N PRO A 2 1.17 -20.69 -0.22
CA PRO A 2 2.08 -19.86 -0.99
C PRO A 2 3.27 -19.43 -0.15
N LYS A 3 4.39 -19.20 -0.84
CA LYS A 3 5.63 -18.73 -0.23
C LYS A 3 5.44 -17.27 0.33
N SER A 4 4.54 -16.49 -0.29
CA SER A 4 4.32 -15.12 0.18
C SER A 4 2.91 -14.77 -0.26
N VAL A 5 2.29 -13.84 0.46
CA VAL A 5 0.92 -13.40 0.19
C VAL A 5 0.88 -11.94 0.50
N ASP A 6 0.20 -11.16 -0.34
CA ASP A 6 0.02 -9.75 -0.05
C ASP A 6 -1.38 -9.36 -0.53
N TRP A 7 -2.37 -9.35 0.40
CA TRP A 7 -3.72 -9.01 -0.07
C TRP A 7 -3.90 -7.54 -0.60
N ARG A 8 -2.99 -6.65 -0.26
CA ARG A 8 -3.00 -5.26 -0.73
C ARG A 8 -2.90 -5.24 -2.27
N LYS A 9 -2.15 -6.20 -2.83
CA LYS A 9 -1.97 -6.29 -4.29
C LYS A 9 -3.18 -6.86 -5.04
N LYS A 10 -4.19 -7.28 -4.28
CA LYS A 10 -5.40 -7.89 -4.83
C LYS A 10 -6.64 -7.04 -4.59
N GLY A 11 -6.46 -5.88 -3.97
CA GLY A 11 -7.56 -4.93 -3.79
C GLY A 11 -8.41 -5.07 -2.56
N TYR A 12 -7.99 -5.92 -1.64
CA TYR A 12 -8.68 -6.23 -0.40
C TYR A 12 -8.49 -5.24 0.74
N VAL A 13 -7.56 -4.26 0.60
CA VAL A 13 -7.19 -3.40 1.73
C VAL A 13 -7.32 -1.95 1.45
N THR A 14 -7.97 -1.21 2.38
CA THR A 14 -8.12 0.20 2.20
C THR A 14 -6.85 0.96 2.58
N PRO A 15 -6.71 2.23 2.23
CA PRO A 15 -5.53 2.98 2.60
C PRO A 15 -5.41 3.01 4.16
N VAL A 16 -4.23 3.36 4.63
CA VAL A 16 -3.99 3.39 6.07
C VAL A 16 -4.76 4.51 6.74
N LYS A 17 -5.40 4.19 7.88
CA LYS A 17 -6.21 5.17 8.63
C LYS A 17 -5.44 5.53 9.90
N ASN A 18 -6.02 6.42 10.69
CA ASN A 18 -5.35 6.90 11.91
C ASN A 18 -6.30 6.99 13.06
N GLN A 19 -6.08 6.16 14.11
CA GLN A 19 -6.97 6.17 15.28
C GLN A 19 -6.76 7.42 16.14
N LYS A 20 -5.68 8.16 15.90
CA LYS A 20 -5.36 9.34 16.72
C LYS A 20 -5.38 9.07 18.26
N GLN A 21 -5.81 10.03 19.14
CA GLN A 21 -5.72 9.77 20.57
C GLN A 21 -6.96 9.09 21.13
N CYS A 22 -7.25 7.89 20.66
CA CYS A 22 -8.40 7.11 21.10
C CYS A 22 -7.95 5.69 21.08
N GLY A 23 -8.26 4.88 22.14
CA GLY A 23 -7.81 3.51 22.20
C GLY A 23 -8.71 2.63 21.35
N SER A 24 -8.75 2.92 20.04
CA SER A 24 -9.68 2.22 19.16
C SER A 24 -9.00 1.31 18.14
N ALA A 25 -7.74 0.92 18.41
CA ALA A 25 -7.06 0.04 17.38
C ALA A 25 -7.87 -1.22 17.13
N TRP A 26 -8.48 -1.79 18.16
CA TRP A 26 -9.34 -2.97 18.00
C TRP A 26 -10.39 -2.74 16.94
N ALA A 27 -10.94 -1.49 16.85
CA ALA A 27 -11.98 -1.26 15.86
C ALA A 27 -11.41 -1.18 14.41
N PHE A 28 -10.21 -0.54 14.26
CA PHE A 28 -9.59 -0.50 12.92
C PHE A 28 -9.17 -1.92 12.49
N SER A 29 -8.70 -2.73 13.43
CA SER A 29 -8.34 -4.09 13.08
C SER A 29 -9.59 -4.79 12.56
N ALA A 30 -10.69 -4.66 13.32
CA ALA A 30 -11.99 -5.32 12.94
C ALA A 30 -12.52 -4.77 11.62
N THR A 31 -12.52 -3.44 11.39
CA THR A 31 -13.02 -2.95 10.12
C THR A 31 -12.09 -3.46 8.98
N GLY A 32 -10.76 -3.52 9.24
CA GLY A 32 -9.87 -3.96 8.14
C GLY A 32 -10.21 -5.39 7.72
N ALA A 33 -10.46 -6.24 8.72
CA ALA A 33 -10.76 -7.61 8.34
C ALA A 33 -12.09 -7.72 7.62
N LEU A 34 -13.08 -6.93 8.05
CA LEU A 34 -14.40 -6.99 7.44
C LEU A 34 -14.32 -6.40 6.07
N GLU A 35 -13.46 -5.40 5.92
CA GLU A 35 -13.27 -4.79 4.59
C GLU A 35 -12.77 -5.83 3.52
N GLY A 36 -11.82 -6.67 3.94
CA GLY A 36 -11.25 -7.66 3.04
C GLY A 36 -12.29 -8.76 2.79
N GLN A 37 -13.03 -9.18 3.82
CA GLN A 37 -14.04 -10.23 3.55
C GLN A 37 -15.21 -9.73 2.68
N MET A 38 -15.63 -8.46 2.87
CA MET A 38 -16.71 -7.93 2.03
C MET A 38 -16.19 -7.79 0.61
N PHE A 39 -14.88 -7.46 0.49
CA PHE A 39 -14.32 -7.39 -0.86
C PHE A 39 -14.34 -8.78 -1.54
N ARG A 40 -13.94 -9.83 -0.80
CA ARG A 40 -13.97 -11.13 -1.41
C ARG A 40 -15.37 -11.54 -1.80
N LYS A 41 -16.35 -11.21 -0.96
CA LYS A 41 -17.74 -11.59 -1.25
C LYS A 41 -18.37 -10.82 -2.45
N THR A 42 -18.07 -9.52 -2.59
CA THR A 42 -18.75 -8.69 -3.59
C THR A 42 -17.92 -8.00 -4.64
N GLY A 43 -16.59 -7.88 -4.48
CA GLY A 43 -15.79 -7.19 -5.49
C GLY A 43 -15.70 -5.71 -5.30
N LYS A 44 -16.32 -5.18 -4.22
CA LYS A 44 -16.28 -3.78 -3.95
C LYS A 44 -15.54 -3.54 -2.67
N LEU A 45 -14.58 -2.59 -2.73
CA LEU A 45 -13.83 -2.25 -1.54
C LEU A 45 -14.49 -1.05 -0.93
N VAL A 46 -15.07 -1.16 0.28
CA VAL A 46 -15.73 0.01 0.87
C VAL A 46 -15.20 0.23 2.25
N SER A 47 -14.72 1.42 2.58
CA SER A 47 -14.19 1.70 3.92
C SER A 47 -15.30 1.64 4.96
N LEU A 48 -15.08 0.90 6.07
CA LEU A 48 -16.12 0.73 7.06
C LEU A 48 -15.89 1.59 8.25
N SER A 49 -16.98 1.82 8.99
CA SER A 49 -16.88 2.75 10.14
C SER A 49 -16.38 2.24 11.48
N GLU A 50 -15.19 2.75 11.87
CA GLU A 50 -14.65 2.45 13.19
C GLU A 50 -15.52 3.14 14.27
N GLN A 51 -15.99 4.33 13.94
CA GLN A 51 -16.80 5.11 14.92
C GLN A 51 -18.07 4.35 15.25
N ASN A 52 -18.66 3.72 14.26
CA ASN A 52 -19.86 2.91 14.52
C ASN A 52 -19.52 1.85 15.62
N LEU A 53 -18.34 1.17 15.49
CA LEU A 53 -17.94 0.18 16.47
C LEU A 53 -17.68 0.82 17.85
N VAL A 54 -16.95 1.95 17.84
CA VAL A 54 -16.62 2.63 19.12
C VAL A 54 -17.90 3.06 19.87
N ASP A 55 -18.83 3.71 19.13
CA ASP A 55 -20.00 4.20 19.83
C ASP A 55 -21.05 3.17 20.23
N CYS A 56 -21.11 2.05 19.49
CA CYS A 56 -22.23 1.11 19.65
C CYS A 56 -21.97 -0.28 20.21
N SER A 57 -20.70 -0.68 20.39
CA SER A 57 -20.49 -2.07 20.81
C SER A 57 -20.17 -2.24 22.24
N ARG A 58 -20.61 -1.30 23.15
CA ARG A 58 -20.33 -1.53 24.59
C ARG A 58 -21.08 -2.74 25.15
N PRO A 59 -22.29 -2.98 24.71
CA PRO A 59 -23.03 -4.16 25.18
C PRO A 59 -22.27 -5.47 24.97
N GLN A 60 -21.48 -5.52 23.85
CA GLN A 60 -20.71 -6.69 23.57
C GLN A 60 -19.42 -6.74 24.33
N GLY A 61 -19.18 -5.74 25.16
CA GLY A 61 -18.00 -5.77 25.98
C GLY A 61 -16.88 -4.87 25.52
N ASN A 62 -17.09 -4.05 24.49
CA ASN A 62 -16.04 -3.11 24.10
C ASN A 62 -16.18 -1.83 24.97
N GLN A 63 -15.15 -1.00 25.02
CA GLN A 63 -15.13 0.20 25.85
C GLN A 63 -14.73 1.42 25.03
N GLY A 64 -15.12 1.41 23.75
CA GLY A 64 -14.88 2.55 22.85
C GLY A 64 -13.46 3.01 22.79
N CYS A 65 -13.16 4.29 23.21
CA CYS A 65 -11.78 4.81 23.16
C CYS A 65 -10.94 4.29 24.32
N ASN A 66 -11.54 3.50 25.21
N ASN A 66 -11.51 3.49 25.23
CA ASN A 66 -10.77 2.95 26.31
CA ASN A 66 -10.70 2.89 26.30
C ASN A 66 -10.34 1.50 26.05
C ASN A 66 -10.45 1.40 26.05
N GLY A 67 -10.57 0.98 24.82
N GLY A 67 -10.43 0.97 24.77
CA GLY A 67 -10.13 -0.38 24.55
CA GLY A 67 -10.11 -0.41 24.52
C GLY A 67 -11.26 -1.29 24.09
C GLY A 67 -11.27 -1.29 24.07
N GLY A 68 -10.88 -2.44 23.57
CA GLY A 68 -11.90 -3.34 23.01
C GLY A 68 -11.21 -4.52 22.36
N PHE A 69 -11.97 -5.38 21.70
CA PHE A 69 -11.44 -6.62 21.11
C PHE A 69 -12.12 -6.86 19.81
N MET A 70 -11.36 -7.30 18.78
CA MET A 70 -11.95 -7.52 17.49
C MET A 70 -13.09 -8.54 17.49
N ALA A 71 -12.92 -9.61 18.29
CA ALA A 71 -14.00 -10.63 18.28
C ALA A 71 -15.28 -10.03 18.81
N ARG A 72 -15.17 -9.16 19.82
CA ARG A 72 -16.38 -8.49 20.33
C ARG A 72 -16.97 -7.62 19.26
N ALA A 73 -16.10 -6.96 18.46
CA ALA A 73 -16.60 -6.14 17.34
C ALA A 73 -17.34 -7.00 16.30
N PHE A 74 -16.77 -8.18 15.95
CA PHE A 74 -17.50 -9.01 14.94
C PHE A 74 -18.85 -9.51 15.52
N GLN A 75 -18.85 -9.73 16.84
CA GLN A 75 -20.09 -10.16 17.55
C GLN A 75 -21.11 -9.05 17.46
N TYR A 76 -20.70 -7.80 17.72
CA TYR A 76 -21.65 -6.72 17.53
C TYR A 76 -22.21 -6.63 16.11
N VAL A 77 -21.37 -6.78 15.06
CA VAL A 77 -21.89 -6.63 13.71
C VAL A 77 -22.91 -7.74 13.45
N LYS A 78 -22.61 -8.91 13.98
CA LYS A 78 -23.55 -10.02 13.80
C LYS A 78 -24.84 -9.73 14.55
N GLU A 79 -24.70 -9.41 15.86
CA GLU A 79 -25.92 -9.18 16.69
C GLU A 79 -26.77 -8.02 16.18
N ASN A 80 -26.07 -7.05 15.65
CA ASN A 80 -26.63 -5.81 15.14
C ASN A 80 -27.23 -5.90 13.80
N GLY A 81 -26.82 -6.88 13.01
CA GLY A 81 -27.33 -6.99 11.65
C GLY A 81 -26.63 -6.12 10.60
N GLY A 82 -25.53 -5.42 10.95
CA GLY A 82 -24.88 -4.64 9.92
C GLY A 82 -23.83 -3.70 10.51
N LEU A 83 -23.21 -2.93 9.62
CA LEU A 83 -22.16 -1.96 10.03
C LEU A 83 -22.12 -0.91 8.96
N ASP A 84 -22.15 0.40 9.32
CA ASP A 84 -22.14 1.49 8.40
C ASP A 84 -20.78 1.77 7.76
N SER A 85 -20.84 2.45 6.65
CA SER A 85 -19.62 2.87 5.93
C SER A 85 -18.95 4.00 6.66
N GLU A 86 -17.61 4.14 6.45
CA GLU A 86 -16.79 5.22 7.01
C GLU A 86 -17.40 6.54 6.51
N GLU A 87 -17.84 6.57 5.26
CA GLU A 87 -18.37 7.80 4.71
C GLU A 87 -19.61 8.26 5.45
N SER A 88 -20.51 7.34 5.74
CA SER A 88 -21.74 7.67 6.44
C SER A 88 -21.62 7.82 7.92
N TYR A 89 -20.59 7.21 8.56
CA TYR A 89 -20.48 7.30 10.02
C TYR A 89 -18.98 7.58 10.26
N PRO A 90 -18.54 8.83 10.05
CA PRO A 90 -17.14 9.29 10.14
C PRO A 90 -16.48 9.18 11.46
N TYR A 91 -15.14 9.04 11.41
CA TYR A 91 -14.33 8.88 12.60
C TYR A 91 -13.95 10.20 13.23
N VAL A 92 -14.22 10.36 14.54
CA VAL A 92 -13.89 11.58 15.28
C VAL A 92 -13.01 11.31 16.48
N ALA A 93 -12.60 10.04 16.69
CA ALA A 93 -11.65 9.69 17.75
C ALA A 93 -12.07 10.02 19.18
N VAL A 94 -13.37 10.03 19.44
CA VAL A 94 -13.85 10.24 20.80
C VAL A 94 -15.11 9.39 20.96
N ASP A 95 -15.44 8.99 22.18
CA ASP A 95 -16.65 8.20 22.41
C ASP A 95 -17.90 9.03 22.18
N GLU A 96 -18.84 8.63 21.32
CA GLU A 96 -20.05 9.44 21.08
C GLU A 96 -21.28 8.63 21.10
N ILE A 97 -22.41 9.28 20.85
CA ILE A 97 -23.72 8.58 20.82
C ILE A 97 -23.79 7.56 19.72
N CYS A 98 -24.27 6.36 20.02
CA CYS A 98 -24.44 5.40 18.92
C CYS A 98 -25.43 5.93 17.86
N LYS A 99 -24.97 6.09 16.65
CA LYS A 99 -25.81 6.58 15.57
C LYS A 99 -25.90 5.59 14.43
N TYR A 100 -25.93 4.33 14.78
CA TYR A 100 -26.00 3.30 13.73
C TYR A 100 -27.27 3.41 12.93
N ARG A 101 -27.12 3.47 11.61
CA ARG A 101 -28.27 3.53 10.69
C ARG A 101 -28.32 2.31 9.77
N PRO A 102 -29.32 1.46 9.87
CA PRO A 102 -29.37 0.29 8.98
C PRO A 102 -29.34 0.65 7.51
N GLU A 103 -29.96 1.79 7.12
CA GLU A 103 -29.99 2.13 5.70
C GLU A 103 -28.61 2.42 5.14
N ASN A 104 -27.60 2.64 6.03
CA ASN A 104 -26.25 2.95 5.58
C ASN A 104 -25.31 1.77 5.74
N SER A 105 -25.88 0.63 6.10
CA SER A 105 -25.05 -0.55 6.32
C SER A 105 -24.51 -1.07 5.02
N VAL A 106 -23.19 -1.38 5.00
CA VAL A 106 -22.57 -1.94 3.78
C VAL A 106 -21.78 -3.26 4.13
N ALA A 107 -21.93 -3.74 5.34
CA ALA A 107 -21.30 -4.97 5.74
C ALA A 107 -22.17 -5.72 6.72
N GLN A 108 -21.95 -7.02 6.76
CA GLN A 108 -22.62 -7.95 7.67
C GLN A 108 -21.70 -9.13 7.96
N ASP A 109 -21.87 -9.79 9.09
CA ASP A 109 -21.13 -11.03 9.34
C ASP A 109 -22.01 -11.94 10.22
N THR A 110 -21.73 -13.24 10.20
CA THR A 110 -22.59 -14.24 10.92
C THR A 110 -21.92 -14.74 12.15
N GLY A 111 -20.80 -14.11 12.46
CA GLY A 111 -20.03 -14.57 13.59
C GLY A 111 -18.57 -14.47 13.14
N PHE A 112 -17.69 -15.18 13.79
CA PHE A 112 -16.27 -15.07 13.39
C PHE A 112 -15.58 -16.43 13.61
N THR A 113 -14.41 -16.61 13.00
CA THR A 113 -13.56 -17.77 13.17
C THR A 113 -12.30 -17.40 13.91
N VAL A 114 -11.91 -18.23 14.90
CA VAL A 114 -10.70 -17.98 15.68
C VAL A 114 -9.58 -18.87 15.14
N VAL A 115 -8.37 -18.32 15.02
CA VAL A 115 -7.21 -19.05 14.60
C VAL A 115 -6.67 -19.71 15.88
N ALA A 116 -6.34 -20.98 15.76
CA ALA A 116 -5.77 -21.69 16.93
C ALA A 116 -4.73 -20.81 17.65
N PRO A 117 -4.90 -20.47 18.93
CA PRO A 117 -3.98 -19.62 19.69
C PRO A 117 -2.54 -20.01 19.71
N GLY A 118 -1.69 -19.02 19.46
CA GLY A 118 -0.25 -19.27 19.46
C GLY A 118 0.23 -20.02 18.24
N LYS A 119 -0.69 -20.42 17.31
CA LYS A 119 -0.11 -21.18 16.18
C LYS A 119 0.18 -20.38 14.90
N GLU A 120 1.45 -19.97 14.69
CA GLU A 120 1.84 -19.20 13.50
C GLU A 120 1.54 -19.96 12.17
N LYS A 121 1.62 -21.30 12.19
CA LYS A 121 1.32 -21.98 10.93
C LYS A 121 -0.16 -21.95 10.64
N ALA A 122 -1.02 -21.95 11.70
CA ALA A 122 -2.45 -21.83 11.53
C ALA A 122 -2.81 -20.42 11.03
N LEU A 123 -2.09 -19.40 11.54
CA LEU A 123 -2.36 -18.04 11.08
C LEU A 123 -1.91 -17.96 9.59
N MET A 124 -0.82 -18.62 9.27
CA MET A 124 -0.33 -18.59 7.89
C MET A 124 -1.39 -19.18 6.95
N LYS A 125 -2.00 -20.26 7.40
CA LYS A 125 -3.05 -20.84 6.58
C LYS A 125 -4.26 -19.92 6.49
N ALA A 126 -4.68 -19.28 7.59
CA ALA A 126 -5.84 -18.39 7.50
C ALA A 126 -5.51 -17.24 6.54
N VAL A 127 -4.34 -16.64 6.74
CA VAL A 127 -3.95 -15.53 5.83
C VAL A 127 -3.96 -16.00 4.39
N ALA A 128 -3.33 -17.15 4.13
CA ALA A 128 -3.31 -17.54 2.69
C ALA A 128 -4.66 -17.88 2.06
N THR A 129 -5.58 -18.44 2.86
CA THR A 129 -6.80 -18.90 2.24
C THR A 129 -8.02 -18.02 2.39
N VAL A 130 -7.97 -17.05 3.33
CA VAL A 130 -9.13 -16.22 3.68
C VAL A 130 -9.03 -14.79 3.26
N GLY A 131 -7.90 -14.14 3.61
CA GLY A 131 -7.75 -12.72 3.32
C GLY A 131 -7.14 -12.12 4.59
N PRO A 132 -7.11 -10.81 4.73
CA PRO A 132 -6.50 -10.13 5.91
C PRO A 132 -7.14 -10.66 7.22
N ILE A 133 -6.31 -10.83 8.24
CA ILE A 133 -6.75 -11.43 9.51
C ILE A 133 -6.54 -10.46 10.65
N SER A 134 -7.56 -10.28 11.52
CA SER A 134 -7.33 -9.38 12.70
C SER A 134 -6.43 -10.06 13.71
N VAL A 135 -5.44 -9.33 14.25
CA VAL A 135 -4.60 -9.96 15.30
C VAL A 135 -4.28 -8.94 16.41
N ALA A 136 -3.97 -9.45 17.61
CA ALA A 136 -3.55 -8.62 18.74
C ALA A 136 -2.01 -8.70 18.77
N MET A 137 -1.30 -7.62 19.23
CA MET A 137 0.13 -7.71 19.38
C MET A 137 0.57 -6.92 20.56
N ASP A 138 1.83 -7.10 20.95
CA ASP A 138 2.40 -6.27 21.99
C ASP A 138 3.13 -5.16 21.22
N ALA A 139 2.53 -3.97 21.22
CA ALA A 139 3.08 -2.80 20.51
C ALA A 139 3.68 -1.75 21.51
N GLY A 140 3.68 -2.09 22.82
CA GLY A 140 4.16 -1.17 23.88
C GLY A 140 5.64 -0.93 23.94
N HIS A 141 6.26 -0.54 22.84
CA HIS A 141 7.71 -0.30 22.80
C HIS A 141 8.14 0.85 21.95
N SER A 142 9.10 1.63 22.48
CA SER A 142 9.64 2.73 21.72
C SER A 142 10.16 2.22 20.43
N SER A 143 10.75 1.02 20.38
CA SER A 143 11.25 0.51 19.09
C SER A 143 10.10 0.38 18.05
N PHE A 144 8.89 0.09 18.52
CA PHE A 144 7.72 -0.01 17.59
C PHE A 144 7.24 1.39 17.20
N GLN A 145 7.18 2.28 18.17
CA GLN A 145 6.85 3.67 17.88
C GLN A 145 7.72 4.23 16.76
N PHE A 146 9.04 3.99 16.84
CA PHE A 146 9.96 4.54 15.84
C PHE A 146 10.33 3.59 14.75
N TYR A 147 9.56 2.49 14.62
CA TYR A 147 9.85 1.60 13.50
C TYR A 147 9.84 2.32 12.12
N LYS A 148 10.75 1.92 11.23
CA LYS A 148 10.77 2.56 9.91
C LYS A 148 10.95 1.55 8.77
N SER A 149 11.87 0.58 8.93
CA SER A 149 12.17 -0.36 7.87
C SER A 149 12.66 -1.65 8.44
N GLY A 150 12.71 -2.70 7.62
CA GLY A 150 13.28 -3.97 8.04
C GLY A 150 12.33 -4.88 8.78
N ILE A 151 12.80 -6.05 9.17
CA ILE A 151 11.93 -6.94 9.94
C ILE A 151 11.99 -6.52 11.39
N TYR A 152 10.84 -6.16 11.93
CA TYR A 152 10.81 -5.75 13.32
C TYR A 152 11.01 -6.94 14.25
N PHE A 153 12.00 -6.83 15.13
CA PHE A 153 12.21 -7.89 16.14
C PHE A 153 12.62 -7.17 17.40
N GLU A 154 11.85 -7.33 18.49
CA GLU A 154 12.11 -6.66 19.77
C GLU A 154 12.19 -7.67 20.92
N PRO A 155 13.37 -7.81 21.53
CA PRO A 155 13.53 -8.75 22.65
C PRO A 155 12.55 -8.58 23.79
N ASP A 156 12.13 -7.35 24.06
N ASP A 156 12.12 -7.34 24.04
CA ASP A 156 11.21 -7.09 25.16
CA ASP A 156 11.18 -7.09 25.13
C ASP A 156 9.76 -7.44 24.81
C ASP A 156 9.74 -7.44 24.77
N CYS A 157 9.49 -7.89 23.57
CA CYS A 157 8.12 -8.21 23.18
C CYS A 157 7.53 -9.41 23.90
N SER A 158 6.28 -9.29 24.32
CA SER A 158 5.62 -10.41 24.94
C SER A 158 4.74 -11.12 23.93
N SER A 159 4.66 -12.48 24.00
CA SER A 159 3.75 -13.21 23.11
C SER A 159 2.42 -13.40 23.84
N LYS A 160 2.32 -12.96 25.13
CA LYS A 160 1.07 -13.22 25.89
C LYS A 160 0.40 -12.01 26.46
N ASN A 161 1.18 -10.98 26.84
CA ASN A 161 0.57 -9.74 27.35
C ASN A 161 0.52 -8.72 26.20
N LEU A 162 -0.66 -8.61 25.56
CA LEU A 162 -0.83 -7.78 24.35
C LEU A 162 -1.64 -6.52 24.56
N ASP A 163 -1.41 -5.50 23.74
CA ASP A 163 -2.11 -4.24 24.02
C ASP A 163 -2.53 -3.51 22.78
N HIS A 164 -2.47 -4.17 21.64
CA HIS A 164 -2.81 -3.43 20.41
C HIS A 164 -3.42 -4.31 19.32
N GLY A 165 -4.45 -3.84 18.65
CA GLY A 165 -5.05 -4.64 17.57
C GLY A 165 -4.54 -4.13 16.22
N VAL A 166 -4.19 -5.05 15.30
CA VAL A 166 -3.70 -4.67 13.98
C VAL A 166 -4.22 -5.66 12.97
N LEU A 167 -3.77 -5.51 11.71
CA LEU A 167 -4.29 -6.36 10.63
C LEU A 167 -3.19 -7.08 9.86
N VAL A 168 -3.22 -8.39 9.79
CA VAL A 168 -2.17 -9.07 8.97
C VAL A 168 -2.68 -9.14 7.58
N VAL A 169 -2.00 -8.47 6.62
CA VAL A 169 -2.48 -8.42 5.24
C VAL A 169 -1.67 -9.39 4.37
N GLY A 170 -0.73 -10.11 4.97
CA GLY A 170 0.07 -11.05 4.17
C GLY A 170 1.29 -11.47 4.92
N TYR A 171 2.23 -12.10 4.21
CA TYR A 171 3.50 -12.53 4.80
C TYR A 171 4.50 -12.74 3.64
N GLY A 172 5.77 -12.79 3.97
CA GLY A 172 6.71 -12.93 2.89
C GLY A 172 8.05 -13.27 3.50
N PHE A 173 9.05 -13.01 2.75
CA PHE A 173 10.40 -13.30 3.20
C PHE A 173 11.40 -12.46 2.43
N GLU A 174 12.56 -12.31 3.02
CA GLU A 174 13.63 -11.60 2.34
C GLU A 174 14.56 -12.61 1.65
N GLY A 175 15.26 -12.18 0.61
CA GLY A 175 16.20 -13.08 -0.06
C GLY A 175 15.51 -14.08 -0.96
N ALA A 176 16.25 -15.10 -1.43
CA ALA A 176 15.66 -16.09 -2.33
C ALA A 176 15.17 -17.30 -1.59
N ASN A 177 15.54 -17.46 -0.31
CA ASN A 177 15.08 -18.64 0.42
C ASN A 177 13.81 -18.27 1.11
N SER A 178 12.73 -18.96 0.74
CA SER A 178 11.43 -18.62 1.33
C SER A 178 11.28 -19.14 2.74
N GLN A 179 12.28 -19.92 3.21
CA GLN A 179 12.19 -20.58 4.49
C GLN A 179 12.93 -19.93 5.59
N ASN A 180 13.46 -18.73 5.32
CA ASN A 180 14.14 -17.98 6.38
C ASN A 180 13.96 -16.47 6.14
N SER A 181 14.25 -15.65 7.17
CA SER A 181 14.08 -14.19 7.15
C SER A 181 12.62 -13.89 6.77
N LYS A 182 11.71 -14.59 7.43
CA LYS A 182 10.27 -14.46 7.16
C LYS A 182 9.65 -13.36 7.96
N TYR A 183 8.51 -12.85 7.47
CA TYR A 183 7.84 -11.77 8.20
C TYR A 183 6.33 -11.75 7.86
N TRP A 184 5.60 -11.16 8.77
CA TRP A 184 4.18 -10.90 8.66
C TRP A 184 4.07 -9.50 8.15
N LEU A 185 3.17 -9.28 7.16
CA LEU A 185 2.90 -7.91 6.66
C LEU A 185 1.74 -7.43 7.53
N VAL A 186 1.97 -6.34 8.27
CA VAL A 186 0.98 -5.81 9.22
C VAL A 186 0.58 -4.42 8.97
N LYS A 187 -0.74 -4.21 8.83
CA LYS A 187 -1.29 -2.86 8.69
C LYS A 187 -1.55 -2.29 10.08
N ASN A 188 -1.01 -1.09 10.39
CA ASN A 188 -1.25 -0.41 11.66
C ASN A 188 -2.35 0.67 11.44
N SER A 189 -2.78 1.38 12.52
CA SER A 189 -3.84 2.40 12.42
C SER A 189 -3.30 3.71 13.05
N TRP A 190 -2.00 3.98 12.77
CA TRP A 190 -1.31 5.17 13.27
C TRP A 190 -0.99 6.14 12.15
N GLY A 191 -1.74 6.05 11.05
CA GLY A 191 -1.47 6.94 9.94
C GLY A 191 -0.40 6.39 9.02
N PRO A 192 -0.42 6.82 7.77
CA PRO A 192 0.56 6.36 6.78
C PRO A 192 1.92 6.95 7.05
N GLU A 193 1.98 7.95 7.92
CA GLU A 193 3.26 8.55 8.29
C GLU A 193 4.08 7.66 9.26
N TRP A 194 3.39 6.82 10.03
CA TRP A 194 4.08 5.96 10.96
C TRP A 194 4.68 4.76 10.20
N GLY A 195 5.82 4.26 10.65
CA GLY A 195 6.35 3.07 10.05
C GLY A 195 6.61 3.15 8.56
N SER A 196 6.41 2.05 7.84
CA SER A 196 6.65 2.05 6.40
C SER A 196 5.29 2.25 5.66
N ASN A 197 4.91 3.53 5.40
CA ASN A 197 3.65 3.90 4.75
C ASN A 197 2.43 3.33 5.58
N GLY A 198 2.68 3.18 6.86
CA GLY A 198 1.63 2.77 7.81
C GLY A 198 1.72 1.30 8.19
N TYR A 199 2.68 0.62 7.56
CA TYR A 199 2.90 -0.80 7.72
C TYR A 199 4.17 -1.19 8.44
N VAL A 200 4.24 -2.47 8.84
CA VAL A 200 5.42 -3.00 9.52
C VAL A 200 5.56 -4.48 9.19
N LYS A 201 6.84 -4.94 9.05
CA LYS A 201 7.15 -6.33 8.84
C LYS A 201 7.52 -6.84 10.20
N ILE A 202 6.77 -7.81 10.70
CA ILE A 202 7.05 -8.35 12.01
C ILE A 202 7.63 -9.71 11.84
N ALA A 203 8.73 -10.00 12.60
CA ALA A 203 9.40 -11.31 12.46
C ALA A 203 8.42 -12.45 12.52
N LYS A 204 8.51 -13.36 11.52
CA LYS A 204 7.61 -14.49 11.43
C LYS A 204 8.33 -15.86 11.69
N ASP A 205 7.64 -16.76 12.41
N ASP A 205 7.73 -16.84 12.36
CA ASP A 205 8.18 -18.07 12.73
CA ASP A 205 8.32 -18.13 12.73
C ASP A 205 9.41 -17.92 13.65
C ASP A 205 9.48 -17.89 13.70
N LYS A 206 9.34 -16.90 14.51
CA LYS A 206 10.33 -16.59 15.54
C LYS A 206 9.58 -16.64 16.89
N ASN A 207 8.99 -17.80 17.14
CA ASN A 207 8.26 -18.07 18.35
C ASN A 207 7.13 -17.12 18.63
N ASN A 208 6.29 -16.91 17.61
CA ASN A 208 5.10 -16.07 17.81
C ASN A 208 5.48 -14.69 18.34
N HIS A 209 6.38 -14.03 17.59
CA HIS A 209 6.93 -12.75 18.05
C HIS A 209 5.89 -11.68 18.27
N CYS A 210 5.90 -11.03 19.47
CA CYS A 210 4.96 -9.95 19.84
C CYS A 210 3.52 -10.46 19.92
N GLY A 211 3.38 -11.78 19.89
CA GLY A 211 2.06 -12.38 20.04
C GLY A 211 1.12 -12.39 18.85
N ILE A 212 1.65 -12.14 17.62
N ILE A 212 1.63 -12.13 17.63
CA ILE A 212 0.80 -12.03 16.43
CA ILE A 212 0.80 -12.01 16.42
C ILE A 212 -0.20 -13.14 16.25
C ILE A 212 -0.21 -13.12 16.23
N ALA A 213 0.14 -14.35 16.69
CA ALA A 213 -0.79 -15.47 16.52
C ALA A 213 -1.49 -15.86 17.81
N THR A 214 -1.37 -15.04 18.85
CA THR A 214 -2.03 -15.42 20.10
C THR A 214 -3.55 -15.23 20.07
N ALA A 215 -4.06 -14.19 19.41
CA ALA A 215 -5.50 -13.90 19.48
C ALA A 215 -5.96 -13.37 18.12
N ALA A 216 -5.86 -14.24 17.12
CA ALA A 216 -6.17 -13.90 15.74
C ALA A 216 -7.58 -14.39 15.35
N SER A 217 -8.32 -13.60 14.58
CA SER A 217 -9.67 -14.01 14.19
C SER A 217 -10.08 -13.32 12.93
N TYR A 218 -11.22 -13.73 12.25
CA TYR A 218 -11.71 -13.07 11.06
C TYR A 218 -13.22 -13.27 11.05
N PRO A 219 -13.92 -12.27 10.48
CA PRO A 219 -15.39 -12.39 10.45
C PRO A 219 -15.87 -13.38 9.37
N ASN A 220 -16.99 -14.00 9.61
CA ASN A 220 -17.58 -14.89 8.61
C ASN A 220 -18.62 -14.13 7.88
N VAL A 221 -18.47 -13.95 6.54
CA VAL A 221 -19.46 -13.17 5.78
C VAL A 221 -20.24 -14.05 4.77
N LEU B 1 -6.68 24.59 -8.77
CA LEU B 1 -6.12 23.29 -8.40
C LEU B 1 -5.80 23.19 -6.90
N PRO B 2 -6.05 22.01 -6.28
CA PRO B 2 -5.78 21.78 -4.86
C PRO B 2 -4.32 22.05 -4.49
N LYS B 3 -4.05 22.35 -3.24
CA LYS B 3 -2.68 22.69 -2.88
C LYS B 3 -1.89 21.43 -2.54
N SER B 4 -2.59 20.30 -2.46
CA SER B 4 -1.90 19.06 -2.25
C SER B 4 -2.75 17.91 -2.70
N VAL B 5 -2.08 16.87 -3.19
CA VAL B 5 -2.71 15.70 -3.70
C VAL B 5 -1.93 14.46 -3.30
N ASP B 6 -2.63 13.40 -2.87
CA ASP B 6 -1.93 12.18 -2.53
C ASP B 6 -2.86 11.02 -2.90
N TRP B 7 -2.64 10.47 -4.10
CA TRP B 7 -3.52 9.40 -4.53
C TRP B 7 -3.40 8.15 -3.70
N ARG B 8 -2.35 8.03 -2.87
CA ARG B 8 -2.32 6.86 -2.02
C ARG B 8 -3.53 6.89 -1.09
N LYS B 9 -3.92 8.09 -0.69
CA LYS B 9 -5.06 8.15 0.25
C LYS B 9 -6.40 7.68 -0.36
N LYS B 10 -6.40 7.52 -1.68
CA LYS B 10 -7.66 7.17 -2.39
C LYS B 10 -7.75 5.82 -2.97
N GLY B 11 -6.72 5.01 -2.74
CA GLY B 11 -6.84 3.64 -3.20
C GLY B 11 -6.23 3.35 -4.54
N TYR B 12 -5.50 4.32 -5.09
CA TYR B 12 -4.93 4.19 -6.44
C TYR B 12 -3.55 3.53 -6.54
N VAL B 13 -2.85 3.38 -5.40
CA VAL B 13 -1.45 2.93 -5.39
C VAL B 13 -1.17 1.60 -4.67
N THR B 14 -0.47 0.67 -5.38
CA THR B 14 -0.11 -0.57 -4.75
C THR B 14 1.13 -0.31 -3.85
N PRO B 15 1.50 -1.29 -3.07
CA PRO B 15 2.66 -1.09 -2.21
C PRO B 15 3.91 -0.85 -3.05
N VAL B 16 4.97 -0.41 -2.35
CA VAL B 16 6.28 -0.17 -2.94
C VAL B 16 6.85 -1.49 -3.37
N LYS B 17 7.28 -1.54 -4.61
CA LYS B 17 7.87 -2.75 -5.14
C LYS B 17 9.41 -2.59 -5.26
N ASN B 18 10.10 -3.66 -5.72
CA ASN B 18 11.56 -3.60 -5.80
C ASN B 18 12.05 -4.26 -7.10
N GLN B 19 12.56 -3.44 -7.99
CA GLN B 19 13.10 -3.95 -9.26
C GLN B 19 14.40 -4.76 -9.07
N LYS B 20 15.09 -4.65 -7.94
CA LYS B 20 16.34 -5.37 -7.67
C LYS B 20 17.35 -5.12 -8.80
N GLN B 21 18.19 -6.10 -9.09
CA GLN B 21 19.28 -5.87 -10.05
C GLN B 21 18.92 -6.08 -11.53
N CYS B 22 17.99 -5.26 -11.98
CA CYS B 22 17.44 -5.29 -13.34
C CYS B 22 17.04 -3.88 -13.73
N GLY B 23 17.43 -3.35 -14.96
CA GLY B 23 17.07 -1.97 -15.32
C GLY B 23 15.65 -1.92 -15.83
N SER B 24 14.67 -2.26 -14.95
CA SER B 24 13.28 -2.31 -15.33
C SER B 24 12.46 -1.24 -14.65
N ALA B 25 13.08 -0.13 -14.20
CA ALA B 25 12.25 0.89 -13.54
C ALA B 25 11.14 1.39 -14.46
N TRP B 26 11.40 1.36 -15.78
CA TRP B 26 10.42 1.79 -16.74
C TRP B 26 9.17 0.94 -16.66
N ALA B 27 9.33 -0.37 -16.38
CA ALA B 27 8.21 -1.26 -16.28
C ALA B 27 7.36 -0.96 -14.97
N PHE B 28 8.09 -0.76 -13.86
CA PHE B 28 7.42 -0.44 -12.57
C PHE B 28 6.65 0.87 -12.71
N SER B 29 7.27 1.85 -13.41
CA SER B 29 6.57 3.14 -13.56
C SER B 29 5.30 2.95 -14.39
N ALA B 30 5.41 2.19 -15.47
CA ALA B 30 4.22 1.95 -16.30
C ALA B 30 3.17 1.16 -15.53
N THR B 31 3.58 0.07 -14.82
CA THR B 31 2.51 -0.65 -14.11
C THR B 31 1.88 0.26 -13.06
N GLY B 32 2.68 1.10 -12.35
CA GLY B 32 2.12 1.97 -11.34
C GLY B 32 1.06 2.86 -12.01
N ALA B 33 1.36 3.38 -13.24
CA ALA B 33 0.35 4.27 -13.82
C ALA B 33 -0.87 3.47 -14.25
N LEU B 34 -0.69 2.28 -14.81
CA LEU B 34 -1.85 1.50 -15.26
C LEU B 34 -2.70 0.98 -14.07
N GLU B 35 -2.02 0.74 -12.95
CA GLU B 35 -2.69 0.29 -11.75
C GLU B 35 -3.66 1.44 -11.32
N GLY B 36 -3.15 2.69 -11.32
CA GLY B 36 -3.98 3.80 -10.92
C GLY B 36 -5.17 3.99 -11.86
N GLN B 37 -4.97 3.91 -13.16
CA GLN B 37 -6.07 4.13 -14.11
C GLN B 37 -7.10 3.01 -14.10
N MET B 38 -6.62 1.76 -13.97
CA MET B 38 -7.50 0.59 -13.92
C MET B 38 -8.33 0.67 -12.65
N PHE B 39 -7.70 1.11 -11.56
CA PHE B 39 -8.43 1.34 -10.30
C PHE B 39 -9.59 2.37 -10.51
N ARG B 40 -9.25 3.53 -11.08
CA ARG B 40 -10.31 4.52 -11.32
C ARG B 40 -11.47 3.95 -12.18
N LYS B 41 -11.14 3.14 -13.17
CA LYS B 41 -12.19 2.55 -14.01
C LYS B 41 -13.03 1.43 -13.37
N THR B 42 -12.44 0.60 -12.49
CA THR B 42 -13.16 -0.55 -11.94
C THR B 42 -13.35 -0.57 -10.43
N GLY B 43 -12.66 0.35 -9.71
CA GLY B 43 -12.69 0.30 -8.24
C GLY B 43 -11.88 -0.85 -7.63
N LYS B 44 -11.13 -1.63 -8.47
CA LYS B 44 -10.31 -2.71 -7.95
C LYS B 44 -8.84 -2.41 -8.14
N LEU B 45 -8.06 -2.39 -7.04
CA LEU B 45 -6.61 -2.14 -7.12
C LEU B 45 -5.94 -3.49 -7.24
N VAL B 46 -5.35 -3.77 -8.43
CA VAL B 46 -4.73 -5.05 -8.70
C VAL B 46 -3.30 -4.79 -9.26
N SER B 47 -2.32 -5.34 -8.59
CA SER B 47 -0.92 -5.23 -8.93
C SER B 47 -0.68 -5.93 -10.28
N LEU B 48 0.00 -5.20 -11.21
CA LEU B 48 0.27 -5.68 -12.56
C LEU B 48 1.67 -6.22 -12.68
N SER B 49 1.91 -7.05 -13.70
CA SER B 49 3.16 -7.71 -13.90
C SER B 49 4.21 -6.95 -14.63
N GLU B 50 5.27 -6.52 -13.90
CA GLU B 50 6.43 -5.88 -14.51
C GLU B 50 7.11 -6.98 -15.33
N GLN B 51 7.10 -8.25 -14.83
CA GLN B 51 7.80 -9.30 -15.57
C GLN B 51 7.21 -9.52 -16.95
N ASN B 52 5.88 -9.47 -17.07
CA ASN B 52 5.15 -9.56 -18.34
C ASN B 52 5.74 -8.45 -19.29
N LEU B 53 5.89 -7.22 -18.76
CA LEU B 53 6.47 -6.13 -19.57
C LEU B 53 7.92 -6.41 -20.01
N VAL B 54 8.74 -6.81 -19.04
CA VAL B 54 10.17 -7.09 -19.32
C VAL B 54 10.34 -8.20 -20.37
N ASP B 55 9.62 -9.28 -20.18
CA ASP B 55 9.80 -10.41 -21.09
C ASP B 55 9.20 -10.28 -22.46
N CYS B 56 8.13 -9.48 -22.55
CA CYS B 56 7.32 -9.48 -23.75
C CYS B 56 7.34 -8.26 -24.60
N SER B 57 7.93 -7.15 -24.15
CA SER B 57 7.75 -5.96 -24.99
C SER B 57 8.94 -5.52 -25.79
N ARG B 58 9.79 -6.47 -26.14
CA ARG B 58 10.93 -6.11 -26.99
C ARG B 58 10.41 -5.65 -28.40
N PRO B 59 9.37 -6.23 -28.95
CA PRO B 59 8.93 -5.71 -30.26
C PRO B 59 8.65 -4.23 -30.27
N GLN B 60 8.09 -3.67 -29.15
CA GLN B 60 7.79 -2.24 -29.04
C GLN B 60 8.98 -1.40 -28.78
N GLY B 61 10.17 -2.00 -28.72
CA GLY B 61 11.37 -1.21 -28.53
C GLY B 61 11.92 -1.16 -27.13
N ASN B 62 11.41 -2.00 -26.19
CA ASN B 62 11.97 -2.02 -24.84
C ASN B 62 13.01 -3.04 -24.82
N GLN B 63 13.89 -2.99 -23.82
CA GLN B 63 15.00 -3.90 -23.72
C GLN B 63 15.07 -4.59 -22.37
N GLY B 64 13.92 -4.95 -21.82
CA GLY B 64 13.93 -5.70 -20.55
C GLY B 64 14.78 -5.14 -19.44
N CYS B 65 15.75 -5.92 -18.89
CA CYS B 65 16.58 -5.42 -17.79
C CYS B 65 17.61 -4.43 -18.29
N ASN B 66 17.73 -4.23 -19.61
N ASN B 66 17.67 -4.26 -19.66
CA ASN B 66 18.72 -3.22 -20.07
CA ASN B 66 18.60 -3.29 -20.23
C ASN B 66 18.03 -1.87 -20.40
C ASN B 66 17.93 -1.92 -20.51
N GLY B 67 16.80 -1.63 -19.86
CA GLY B 67 16.08 -0.35 -20.02
C GLY B 67 14.89 -0.36 -20.96
N GLY B 68 14.15 0.76 -20.95
CA GLY B 68 12.99 0.86 -21.80
C GLY B 68 12.23 2.14 -21.52
N PHE B 69 11.01 2.22 -22.00
CA PHE B 69 10.21 3.43 -21.87
C PHE B 69 8.80 3.11 -21.49
N MET B 70 8.27 3.92 -20.60
CA MET B 70 6.89 3.72 -20.15
C MET B 70 5.96 3.81 -21.34
N ALA B 71 6.23 4.75 -22.24
CA ALA B 71 5.30 4.82 -23.37
C ALA B 71 5.28 3.50 -24.22
N ARG B 72 6.45 2.88 -24.37
CA ARG B 72 6.52 1.67 -25.18
C ARG B 72 5.78 0.57 -24.47
N ALA B 73 5.77 0.65 -23.13
CA ALA B 73 5.03 -0.36 -22.37
C ALA B 73 3.54 -0.19 -22.61
N PHE B 74 3.04 1.07 -22.55
CA PHE B 74 1.60 1.25 -22.75
C PHE B 74 1.28 0.82 -24.19
N GLN B 75 2.28 1.02 -25.07
CA GLN B 75 2.09 0.66 -26.48
C GLN B 75 2.00 -0.84 -26.55
N TYR B 76 2.87 -1.56 -25.83
CA TYR B 76 2.71 -3.02 -25.85
C TYR B 76 1.33 -3.53 -25.32
N VAL B 77 0.90 -3.02 -24.15
CA VAL B 77 -0.37 -3.44 -23.58
C VAL B 77 -1.45 -3.25 -24.62
N LYS B 78 -1.41 -2.11 -25.28
CA LYS B 78 -2.40 -1.84 -26.35
C LYS B 78 -2.36 -2.87 -27.50
N GLU B 79 -1.16 -3.13 -28.06
CA GLU B 79 -1.08 -4.06 -29.20
C GLU B 79 -1.32 -5.48 -28.82
N ASN B 80 -1.03 -5.81 -27.55
CA ASN B 80 -1.20 -7.16 -27.06
C ASN B 80 -2.58 -7.45 -26.63
N GLY B 81 -3.36 -6.40 -26.35
CA GLY B 81 -4.73 -6.62 -25.95
C GLY B 81 -4.86 -6.91 -24.46
N GLY B 82 -3.77 -6.71 -23.68
CA GLY B 82 -3.87 -7.05 -22.27
C GLY B 82 -2.53 -7.11 -21.56
N LEU B 83 -2.59 -7.33 -20.23
CA LEU B 83 -1.39 -7.33 -19.37
C LEU B 83 -1.74 -8.15 -18.18
N ASP B 84 -0.91 -9.16 -17.84
CA ASP B 84 -1.24 -10.06 -16.76
C ASP B 84 -1.02 -9.51 -15.39
N SER B 85 -1.70 -10.11 -14.45
CA SER B 85 -1.55 -9.68 -13.05
C SER B 85 -0.19 -10.08 -12.52
N GLU B 86 0.33 -9.34 -11.54
CA GLU B 86 1.57 -9.78 -10.93
C GLU B 86 1.38 -11.17 -10.26
N GLU B 87 0.22 -11.43 -9.64
CA GLU B 87 -0.01 -12.70 -9.03
C GLU B 87 0.17 -13.86 -10.03
N SER B 88 -0.34 -13.70 -11.26
CA SER B 88 -0.22 -14.75 -12.28
C SER B 88 1.16 -14.83 -13.00
N TYR B 89 1.90 -13.71 -13.00
CA TYR B 89 3.16 -13.56 -13.75
C TYR B 89 4.13 -12.78 -12.86
N PRO B 90 4.69 -13.46 -11.87
CA PRO B 90 5.62 -12.88 -10.87
C PRO B 90 6.95 -12.36 -11.36
N TYR B 91 7.47 -11.44 -10.55
CA TYR B 91 8.69 -10.72 -10.90
C TYR B 91 9.93 -11.42 -10.37
N VAL B 92 10.91 -11.74 -11.26
CA VAL B 92 12.13 -12.42 -10.86
C VAL B 92 13.37 -11.58 -11.16
N ALA B 93 13.16 -10.36 -11.69
CA ALA B 93 14.27 -9.41 -11.90
C ALA B 93 15.35 -9.92 -12.87
N VAL B 94 14.95 -10.70 -13.87
CA VAL B 94 15.90 -11.12 -14.88
C VAL B 94 15.13 -11.11 -16.21
N ASP B 95 15.85 -11.04 -17.34
CA ASP B 95 15.21 -11.11 -18.65
C ASP B 95 14.76 -12.53 -18.96
N GLU B 96 13.48 -12.78 -19.14
CA GLU B 96 13.05 -14.16 -19.46
C GLU B 96 12.17 -14.29 -20.68
N ILE B 97 11.79 -15.55 -21.05
CA ILE B 97 10.94 -15.71 -22.22
C ILE B 97 9.52 -15.29 -21.94
N CYS B 98 8.89 -14.58 -22.89
CA CYS B 98 7.48 -14.17 -22.72
C CYS B 98 6.51 -15.36 -22.40
N LYS B 99 5.74 -15.23 -21.32
CA LYS B 99 4.76 -16.23 -20.94
C LYS B 99 3.36 -15.62 -20.80
N TYR B 100 3.13 -14.54 -21.56
CA TYR B 100 1.83 -13.88 -21.50
C TYR B 100 0.68 -14.83 -21.81
N ARG B 101 -0.39 -14.73 -20.99
CA ARG B 101 -1.60 -15.47 -21.18
C ARG B 101 -2.76 -14.50 -21.15
N PRO B 102 -3.61 -14.50 -22.18
CA PRO B 102 -4.75 -13.57 -22.19
C PRO B 102 -5.75 -13.88 -21.07
N GLU B 103 -5.84 -15.16 -20.66
CA GLU B 103 -6.78 -15.54 -19.59
C GLU B 103 -6.41 -14.91 -18.25
N ASN B 104 -5.13 -14.55 -18.08
CA ASN B 104 -4.68 -13.91 -16.85
C ASN B 104 -4.61 -12.40 -16.96
N SER B 105 -5.07 -11.86 -18.10
CA SER B 105 -5.03 -10.40 -18.22
C SER B 105 -6.05 -9.72 -17.29
N VAL B 106 -5.66 -8.56 -16.68
CA VAL B 106 -6.52 -7.78 -15.79
C VAL B 106 -6.44 -6.32 -16.12
N ALA B 107 -5.80 -5.98 -17.24
CA ALA B 107 -5.65 -4.60 -17.61
C ALA B 107 -5.57 -4.47 -19.15
N GLN B 108 -6.08 -3.35 -19.64
CA GLN B 108 -6.01 -2.98 -21.07
C GLN B 108 -5.81 -1.48 -21.21
N ASP B 109 -5.19 -1.03 -22.34
CA ASP B 109 -5.11 0.39 -22.61
C ASP B 109 -5.21 0.59 -24.16
N THR B 110 -5.52 1.82 -24.60
CA THR B 110 -5.72 2.10 -26.02
C THR B 110 -4.65 3.01 -26.53
N GLY B 111 -3.55 3.11 -25.77
CA GLY B 111 -2.50 4.05 -26.11
C GLY B 111 -2.25 4.84 -24.83
N PHE B 112 -1.69 6.02 -24.99
CA PHE B 112 -1.32 6.87 -23.86
C PHE B 112 -1.38 8.33 -24.21
N THR B 113 -1.35 9.21 -23.16
CA THR B 113 -1.31 10.66 -23.29
C THR B 113 0.00 11.22 -22.71
N VAL B 114 0.63 12.15 -23.46
CA VAL B 114 1.85 12.80 -23.02
C VAL B 114 1.54 14.14 -22.37
N VAL B 115 2.14 14.43 -21.22
CA VAL B 115 1.97 15.73 -20.57
C VAL B 115 2.89 16.70 -21.28
N ALA B 116 2.48 17.99 -21.40
CA ALA B 116 3.32 18.97 -22.12
C ALA B 116 4.73 19.00 -21.56
N PRO B 117 5.73 18.68 -22.41
CA PRO B 117 7.13 18.64 -21.98
C PRO B 117 7.70 19.86 -21.30
N GLY B 118 8.23 19.65 -20.07
CA GLY B 118 8.89 20.71 -19.35
C GLY B 118 7.98 21.59 -18.54
N LYS B 119 6.66 21.34 -18.60
CA LYS B 119 5.74 22.21 -17.89
C LYS B 119 5.27 21.62 -16.56
N GLU B 120 5.89 22.08 -15.47
CA GLU B 120 5.53 21.59 -14.14
C GLU B 120 4.09 21.88 -13.83
N LYS B 121 3.55 23.00 -14.36
CA LYS B 121 2.14 23.26 -14.10
C LYS B 121 1.24 22.34 -14.90
N ALA B 122 1.70 21.87 -16.05
CA ALA B 122 0.90 20.94 -16.84
C ALA B 122 0.87 19.59 -16.08
N LEU B 123 2.04 19.24 -15.52
CA LEU B 123 2.14 18.01 -14.71
C LEU B 123 1.22 18.13 -13.48
N MET B 124 1.26 19.29 -12.81
CA MET B 124 0.40 19.47 -11.63
C MET B 124 -1.07 19.20 -11.99
N LYS B 125 -1.50 19.78 -13.13
CA LYS B 125 -2.88 19.59 -13.56
C LYS B 125 -3.17 18.16 -13.86
N ALA B 126 -2.23 17.44 -14.50
CA ALA B 126 -2.54 16.05 -14.80
C ALA B 126 -2.61 15.24 -13.51
N VAL B 127 -1.70 15.49 -12.57
CA VAL B 127 -1.73 14.73 -11.33
C VAL B 127 -3.07 14.91 -10.61
N ALA B 128 -3.48 16.18 -10.52
CA ALA B 128 -4.70 16.48 -9.79
C ALA B 128 -5.93 15.93 -10.46
N THR B 129 -5.90 15.77 -11.80
CA THR B 129 -7.13 15.34 -12.44
C THR B 129 -7.14 13.91 -12.92
N VAL B 130 -5.98 13.32 -13.24
CA VAL B 130 -5.97 11.96 -13.77
C VAL B 130 -5.69 10.84 -12.78
N GLY B 131 -4.69 11.03 -11.94
CA GLY B 131 -4.27 9.97 -11.04
C GLY B 131 -2.75 9.94 -11.12
N PRO B 132 -2.11 8.86 -10.61
CA PRO B 132 -0.64 8.78 -10.68
C PRO B 132 -0.15 8.87 -12.12
N ILE B 133 0.97 9.57 -12.31
CA ILE B 133 1.54 9.79 -13.65
C ILE B 133 2.93 9.23 -13.78
N SER B 134 3.22 8.49 -14.88
CA SER B 134 4.61 8.04 -15.08
C SER B 134 5.49 9.19 -15.54
N VAL B 135 6.67 9.26 -14.99
CA VAL B 135 7.62 10.30 -15.34
C VAL B 135 9.04 9.67 -15.38
N ALA B 136 9.92 10.32 -16.10
CA ALA B 136 11.32 9.95 -16.16
C ALA B 136 12.06 11.00 -15.33
N MET B 137 13.20 10.64 -14.71
CA MET B 137 13.96 11.61 -13.95
C MET B 137 15.43 11.30 -14.04
N ASP B 138 16.25 12.26 -13.64
CA ASP B 138 17.68 12.07 -13.56
C ASP B 138 17.95 11.55 -12.13
N ALA B 139 18.17 10.21 -12.02
CA ALA B 139 18.39 9.58 -10.71
C ALA B 139 19.88 9.30 -10.51
N GLY B 140 20.69 9.70 -11.51
CA GLY B 140 22.14 9.42 -11.48
C GLY B 140 23.07 10.18 -10.57
N HIS B 141 22.71 10.29 -9.30
CA HIS B 141 23.53 10.97 -8.31
C HIS B 141 23.55 10.19 -7.02
N SER B 142 24.71 10.16 -6.32
CA SER B 142 24.77 9.43 -5.07
C SER B 142 23.79 9.98 -4.03
N SER B 143 23.49 11.29 -4.12
CA SER B 143 22.54 11.88 -3.16
C SER B 143 21.17 11.17 -3.29
N PHE B 144 20.81 10.70 -4.50
CA PHE B 144 19.55 9.99 -4.69
C PHE B 144 19.57 8.59 -4.07
N GLN B 145 20.70 7.84 -4.29
CA GLN B 145 20.83 6.53 -3.74
C GLN B 145 20.75 6.56 -2.24
N PHE B 146 21.32 7.61 -1.61
CA PHE B 146 21.34 7.67 -0.15
C PHE B 146 20.27 8.57 0.47
N TYR B 147 19.34 8.99 -0.34
CA TYR B 147 18.24 9.83 0.14
C TYR B 147 17.47 9.15 1.27
N LYS B 148 17.15 9.90 2.33
CA LYS B 148 16.37 9.38 3.43
C LYS B 148 15.06 10.13 3.67
N SER B 149 15.10 11.48 3.65
CA SER B 149 13.86 12.21 3.95
C SER B 149 13.97 13.65 3.58
N GLY B 150 12.88 14.34 3.70
CA GLY B 150 12.87 15.74 3.34
C GLY B 150 12.74 15.97 1.84
N ILE B 151 12.89 17.20 1.45
CA ILE B 151 12.74 17.56 0.05
C ILE B 151 14.04 17.32 -0.63
N TYR B 152 14.03 16.45 -1.63
CA TYR B 152 15.24 16.18 -2.38
C TYR B 152 15.56 17.33 -3.38
N PHE B 153 16.78 17.85 -3.26
CA PHE B 153 17.27 18.86 -4.19
C PHE B 153 18.75 18.63 -4.41
N GLU B 154 19.14 18.32 -5.64
CA GLU B 154 20.53 18.01 -5.98
C GLU B 154 21.01 19.01 -6.99
N PRO B 155 21.97 19.82 -6.64
CA PRO B 155 22.48 20.81 -7.60
C PRO B 155 22.90 20.29 -8.95
N ASP B 156 23.49 19.10 -9.03
CA ASP B 156 23.92 18.57 -10.31
C ASP B 156 22.82 17.88 -11.07
N CYS B 157 21.57 17.93 -10.54
CA CYS B 157 20.49 17.28 -11.24
C CYS B 157 20.23 17.87 -12.59
N SER B 158 19.91 17.03 -13.57
CA SER B 158 19.66 17.49 -14.92
C SER B 158 18.16 17.40 -15.26
N SER B 159 17.63 18.42 -15.93
CA SER B 159 16.23 18.35 -16.31
C SER B 159 16.05 17.70 -17.67
N LYS B 160 17.14 17.32 -18.38
CA LYS B 160 17.04 16.74 -19.74
C LYS B 160 17.75 15.42 -19.90
N ASN B 161 18.79 15.15 -19.09
CA ASN B 161 19.51 13.89 -19.23
C ASN B 161 18.94 13.00 -18.15
N LEU B 162 17.96 12.22 -18.52
CA LEU B 162 17.20 11.37 -17.57
C LEU B 162 17.50 9.92 -17.70
N ASP B 163 17.43 9.18 -16.61
CA ASP B 163 17.83 7.79 -16.73
C ASP B 163 16.97 6.82 -15.93
N HIS B 164 15.88 7.31 -15.33
CA HIS B 164 15.09 6.44 -14.39
C HIS B 164 13.62 6.72 -14.43
N GLY B 165 12.80 5.66 -14.50
CA GLY B 165 11.38 5.84 -14.53
C GLY B 165 10.84 5.73 -13.12
N VAL B 166 9.88 6.62 -12.78
CA VAL B 166 9.30 6.63 -11.42
C VAL B 166 7.83 7.04 -11.57
N LEU B 167 7.10 7.16 -10.43
CA LEU B 167 5.68 7.46 -10.51
C LEU B 167 5.31 8.63 -9.63
N VAL B 168 4.67 9.67 -10.22
CA VAL B 168 4.32 10.80 -9.36
C VAL B 168 2.94 10.47 -8.84
N VAL B 169 2.81 10.30 -7.48
CA VAL B 169 1.50 9.91 -6.94
C VAL B 169 0.79 11.13 -6.30
N GLY B 170 1.41 12.29 -6.42
CA GLY B 170 0.82 13.51 -5.85
C GLY B 170 1.80 14.64 -5.69
N TYR B 171 1.43 15.66 -4.89
CA TYR B 171 2.31 16.78 -4.66
C TYR B 171 1.86 17.47 -3.37
N GLY B 172 2.64 18.35 -2.91
CA GLY B 172 2.29 19.00 -1.64
C GLY B 172 3.29 20.04 -1.23
N PHE B 173 3.35 20.34 0.08
CA PHE B 173 4.26 21.35 0.57
C PHE B 173 4.53 21.14 2.05
N GLU B 174 5.69 21.62 2.49
CA GLU B 174 6.09 21.55 3.89
C GLU B 174 5.87 22.87 4.55
N GLY B 175 5.49 22.85 5.82
CA GLY B 175 5.23 24.10 6.54
C GLY B 175 3.84 24.65 6.31
N ALA B 176 3.61 25.90 6.75
CA ALA B 176 2.28 26.51 6.63
C ALA B 176 1.98 27.12 5.27
N ASN B 177 3.01 27.49 4.49
CA ASN B 177 2.74 28.12 3.18
C ASN B 177 2.68 27.20 1.96
N SER B 178 1.51 27.12 1.33
CA SER B 178 1.31 26.29 0.16
C SER B 178 2.13 26.74 -1.06
N GLN B 179 2.76 27.92 -0.96
CA GLN B 179 3.52 28.47 -2.08
C GLN B 179 5.03 28.28 -1.99
N ASN B 180 5.54 27.62 -0.94
CA ASN B 180 6.99 27.39 -0.86
C ASN B 180 7.27 26.04 -0.21
N SER B 181 8.51 25.52 -0.42
CA SER B 181 8.86 24.20 0.07
C SER B 181 7.92 23.19 -0.53
N LYS B 182 7.61 23.38 -1.80
CA LYS B 182 6.70 22.53 -2.53
C LYS B 182 7.46 21.29 -3.00
N TYR B 183 6.75 20.18 -3.18
CA TYR B 183 7.41 18.96 -3.64
C TYR B 183 6.45 18.08 -4.43
N TRP B 184 7.04 17.17 -5.23
CA TRP B 184 6.33 16.17 -5.97
C TRP B 184 6.45 14.91 -5.09
N LEU B 185 5.39 14.12 -4.93
N LEU B 185 5.33 14.15 -5.00
CA LEU B 185 5.39 12.87 -4.16
CA LEU B 185 5.28 12.89 -4.24
C LEU B 185 5.61 11.77 -5.16
C LEU B 185 5.60 11.79 -5.23
N VAL B 186 6.79 11.14 -5.08
CA VAL B 186 7.21 10.14 -6.04
C VAL B 186 7.41 8.74 -5.49
N LYS B 187 6.76 7.76 -6.11
CA LYS B 187 6.94 6.37 -5.76
C LYS B 187 8.15 5.82 -6.58
N ASN B 188 9.14 5.29 -5.89
CA ASN B 188 10.30 4.63 -6.53
C ASN B 188 10.04 3.12 -6.56
N SER B 189 10.97 2.36 -7.21
CA SER B 189 10.85 0.93 -7.27
C SER B 189 12.13 0.28 -6.74
N TRP B 190 12.66 0.84 -5.63
CA TRP B 190 13.84 0.33 -5.02
C TRP B 190 13.53 -0.31 -3.66
N GLY B 191 12.31 -0.79 -3.43
CA GLY B 191 11.98 -1.35 -2.12
C GLY B 191 11.62 -0.29 -1.11
N PRO B 192 10.91 -0.71 -0.03
CA PRO B 192 10.43 0.18 1.06
C PRO B 192 11.56 0.63 1.96
N GLU B 193 12.71 0.01 1.87
CA GLU B 193 13.80 0.47 2.74
C GLU B 193 14.50 1.71 2.17
N TRP B 194 14.61 1.82 0.86
CA TRP B 194 15.22 3.03 0.25
C TRP B 194 14.36 4.30 0.50
N GLY B 195 15.00 5.50 0.71
N GLY B 195 15.09 5.16 1.35
CA GLY B 195 14.22 6.73 0.90
CA GLY B 195 14.52 6.37 1.97
C GLY B 195 13.28 6.67 2.09
C GLY B 195 13.04 6.72 1.91
N SER B 196 13.65 5.87 3.09
N SER B 196 12.52 7.23 3.04
CA SER B 196 12.86 5.58 4.36
CA SER B 196 11.15 7.60 3.20
C SER B 196 11.52 4.79 4.19
C SER B 196 10.23 6.49 2.76
N ASN B 197 10.66 5.14 3.21
N ASN B 197 10.64 5.30 3.10
CA ASN B 197 9.43 4.35 3.01
CA ASN B 197 9.93 4.07 2.83
C ASN B 197 9.25 3.98 1.50
C ASN B 197 9.50 3.85 1.38
N GLY B 198 10.32 4.15 0.70
N GLY B 198 10.46 4.03 0.46
CA GLY B 198 10.25 3.82 -0.71
CA GLY B 198 10.18 3.81 -0.95
C GLY B 198 9.84 4.98 -1.58
C GLY B 198 9.73 5.03 -1.71
N TYR B 199 9.48 6.13 -0.96
CA TYR B 199 9.03 7.33 -1.66
C TYR B 199 10.05 8.43 -1.54
N VAL B 200 9.89 9.46 -2.37
CA VAL B 200 10.80 10.64 -2.28
C VAL B 200 10.04 11.86 -2.61
N LYS B 201 10.37 12.93 -1.89
CA LYS B 201 9.76 14.21 -2.15
C LYS B 201 10.75 14.96 -3.06
N ILE B 202 10.38 15.22 -4.27
CA ILE B 202 11.31 15.93 -5.14
C ILE B 202 10.92 17.37 -5.23
N ALA B 203 11.89 18.26 -5.09
CA ALA B 203 11.55 19.71 -5.14
C ALA B 203 10.63 20.05 -6.35
N LYS B 204 9.51 20.81 -6.08
CA LYS B 204 8.53 21.17 -7.07
C LYS B 204 8.61 22.67 -7.39
N ASP B 205 8.39 23.00 -8.65
CA ASP B 205 8.50 24.38 -9.15
C ASP B 205 9.88 24.99 -8.89
N LYS B 206 10.94 24.17 -9.04
CA LYS B 206 12.30 24.64 -8.92
C LYS B 206 12.94 24.39 -10.25
N ASN B 207 12.29 24.84 -11.33
CA ASN B 207 12.85 24.68 -12.67
C ASN B 207 12.90 23.22 -13.16
N ASN B 208 11.77 22.45 -13.01
CA ASN B 208 11.68 21.10 -13.46
C ASN B 208 12.90 20.32 -12.91
N HIS B 209 13.11 20.44 -11.60
CA HIS B 209 14.24 19.79 -10.94
C HIS B 209 14.28 18.28 -11.24
N CYS B 210 15.46 17.80 -11.71
CA CYS B 210 15.71 16.36 -12.04
C CYS B 210 14.82 15.86 -13.21
N GLY B 211 14.18 16.81 -13.90
CA GLY B 211 13.38 16.52 -15.07
C GLY B 211 12.05 15.82 -14.90
N ILE B 212 11.38 15.95 -13.72
N ILE B 212 11.49 16.04 -13.69
CA ILE B 212 10.13 15.21 -13.52
CA ILE B 212 10.21 15.42 -13.31
C ILE B 212 9.05 15.52 -14.55
C ILE B 212 9.09 15.60 -14.37
N ALA B 213 9.02 16.76 -15.01
CA ALA B 213 7.98 17.07 -15.99
C ALA B 213 8.50 17.00 -17.43
N THR B 214 9.70 16.52 -17.63
CA THR B 214 10.23 16.49 -19.02
C THR B 214 9.62 15.41 -19.89
N ALA B 215 9.35 14.23 -19.33
CA ALA B 215 8.79 13.11 -20.12
C ALA B 215 7.72 12.36 -19.35
N ALA B 216 6.62 13.06 -19.07
CA ALA B 216 5.50 12.57 -18.28
C ALA B 216 4.42 12.05 -19.13
N SER B 217 3.86 10.90 -18.75
CA SER B 217 2.77 10.28 -19.49
C SER B 217 1.86 9.38 -18.66
N TYR B 218 0.69 9.08 -19.19
CA TYR B 218 -0.20 8.17 -18.49
C TYR B 218 -0.96 7.40 -19.52
N PRO B 219 -1.35 6.15 -19.23
CA PRO B 219 -2.10 5.29 -20.15
C PRO B 219 -3.59 5.61 -20.28
N ASN B 220 -4.18 5.37 -21.46
CA ASN B 220 -5.59 5.65 -21.69
C ASN B 220 -6.38 4.39 -21.53
N VAL B 221 -7.25 4.39 -20.51
CA VAL B 221 -8.04 3.19 -20.21
C VAL B 221 -9.53 3.36 -20.54
N GLN C 1 -3.40 0.10 21.36
CA GLN C 1 -2.32 0.99 21.79
C GLN C 1 -2.22 2.28 20.92
N LEU C 2 -1.71 3.37 21.52
CA LEU C 2 -1.57 4.67 20.83
C LEU C 2 -0.14 5.07 20.46
N ARG C 3 -0.01 6.03 19.51
CA ARG C 3 1.28 6.56 19.03
C ARG C 3 1.95 7.56 20.01
N GLN C 4 2.97 7.15 20.79
CA GLN C 4 3.64 8.15 21.65
C GLN C 4 5.06 8.46 21.17
N GLN D 4 17.24 5.40 -22.95
CA GLN D 4 16.35 4.47 -22.25
C GLN D 4 16.40 4.67 -20.77
N GLN D 5 15.28 4.41 -20.10
CA GLN D 5 15.23 4.57 -18.66
C GLN D 5 15.43 3.21 -18.01
N GLU D 6 16.10 3.18 -16.84
CA GLU D 6 16.44 1.95 -16.16
C GLU D 6 16.06 1.99 -14.72
CL CL E . -6.00 1.11 20.93
C1 MPD F . -5.29 -6.18 20.89
C2 MPD F . -6.31 -5.98 21.99
O2 MPD F . -7.54 -6.55 21.54
CM MPD F . -5.82 -6.72 23.22
C3 MPD F . -6.49 -4.49 22.27
C4 MPD F . -7.34 -4.07 23.47
O4 MPD F . -6.64 -4.34 24.67
C5 MPD F . -7.65 -2.59 23.40
CL CL G . -10.26 -10.37 19.74
C1 GOL H . 9.34 -16.16 -5.51
O1 GOL H . 10.31 -15.62 -6.40
C2 GOL H . 7.96 -16.18 -6.14
O2 GOL H . 7.93 -17.18 -7.16
C3 GOL H . 6.91 -16.49 -5.10
O3 GOL H . 6.90 -15.50 -4.09
C1 TFA I . -12.44 3.90 -1.37
C2 TFA I . -11.22 3.48 -0.70
O TFA I . -12.71 5.13 -1.39
F1 TFA I . -10.50 4.53 -0.31
F2 TFA I . -11.38 2.66 0.34
F3 TFA I . -10.36 2.98 -1.53
OXT TFA I . -13.17 3.09 -1.92
C1 MPD J . 20.25 5.78 -9.68
C2 MPD J . 21.26 4.72 -9.99
O2 MPD J . 22.53 5.37 -10.09
CM MPD J . 21.30 3.68 -8.87
C3 MPD J . 20.94 4.02 -11.32
C4 MPD J . 20.68 4.89 -12.53
O4 MPD J . 19.28 4.97 -12.80
C5 MPD J . 21.23 6.24 -12.28
C1 MPD K . 19.58 1.67 -4.09
C2 MPD K . 19.87 0.51 -5.02
O2 MPD K . 20.62 1.01 -6.13
CM MPD K . 20.69 -0.52 -4.30
C3 MPD K . 18.54 -0.11 -5.50
C4 MPD K . 18.53 -1.36 -6.38
O4 MPD K . 19.16 -2.44 -5.69
C5 MPD K . 17.07 -1.79 -6.68
CL CL L . 8.37 6.93 -21.71
C1 MPD M . 19.86 0.21 -13.29
C2 MPD M . 19.84 -0.57 -12.00
O2 MPD M . 19.39 0.29 -10.94
CM MPD M . 18.86 -1.74 -12.10
C3 MPD M . 21.22 -1.11 -11.64
C4 MPD M . 21.51 -1.41 -10.18
O4 MPD M . 20.34 -1.94 -9.56
C5 MPD M . 22.70 -2.33 -9.95
C1 MPD N . 19.92 -4.65 -15.64
C2 MPD N . 21.30 -4.93 -15.41
O2 MPD N . 21.43 -6.35 -15.28
CM MPD N . 22.15 -4.44 -16.58
C3 MPD N . 21.67 -4.26 -14.12
C4 MPD N . 22.48 -5.06 -13.19
O4 MPD N . 23.48 -5.72 -13.96
C5 MPD N . 23.09 -4.16 -12.15
C1 GOL O . -0.76 -19.19 -10.32
O1 GOL O . -1.05 -19.09 -11.69
C2 GOL O . -1.75 -18.38 -9.50
O2 GOL O . -1.97 -17.16 -10.18
C3 GOL O . -3.08 -19.06 -9.28
O3 GOL O . -2.95 -20.17 -8.42
#